data_8FJD
#
_entry.id   8FJD
#
_cell.length_a   197.520
_cell.length_b   197.520
_cell.length_c   96.830
_cell.angle_alpha   90.000
_cell.angle_beta   90.000
_cell.angle_gamma   120.000
#
_symmetry.space_group_name_H-M   'P 65 2 2'
#
loop_
_entity.id
_entity.type
_entity.pdbx_description
1 polymer Chlorophyllase
2 non-polymer 'CALCIUM ION'
3 water water
#
_entity_poly.entity_id   1
_entity_poly.type   'polypeptide(L)'
_entity_poly.pdbx_seq_one_letter_code
;MAAAAPAETMNKSAAGAEVPEAFTSVFQPGKLAVEAIQVDENAAPTPPIPVLIVAPKDAGTYPVAMLLHGFFLHNHFYEH
LLRHVASHGFIIVAPQFSISIIPSGDAEDIAAAAKVADWLPDGLPSVLPKGVEPELSKLALAGHSRGGHTAFSLALGHAK
TQLTFSALIGLDPVAGTGKSSQLQPKILTYEPSSFGMAMPVLVIGTGLGEEKKNIFFPPCAPKDVNHAEFYRECRPPCYY
LVTKDYGHLDMLDDDAPKFITCVCKDGNGCKGKMRRCVAGIMVAFLNAALGEKDADLEAILRDPAVAPTTLDPVEHRVAE
NLYFQ
;
_entity_poly.pdbx_strand_id   A,B
#
loop_
_chem_comp.id
_chem_comp.type
_chem_comp.name
_chem_comp.formula
CA non-polymer 'CALCIUM ION' 'Ca 2'
#
# COMPACT_ATOMS: atom_id res chain seq x y z
N PHE A 23 -8.77 3.42 25.25
CA PHE A 23 -7.98 2.31 25.85
C PHE A 23 -6.50 2.47 25.47
N THR A 24 -6.06 3.72 25.32
CA THR A 24 -4.63 3.99 24.98
C THR A 24 -4.23 3.07 23.82
N SER A 25 -5.16 2.81 22.90
CA SER A 25 -4.87 1.91 21.74
C SER A 25 -4.35 2.74 20.57
N VAL A 26 -3.84 3.94 20.86
CA VAL A 26 -3.33 4.84 19.78
C VAL A 26 -2.09 4.19 19.16
N PHE A 27 -1.55 4.78 18.09
CA PHE A 27 -0.39 4.17 17.40
C PHE A 27 -0.77 2.74 16.99
N GLN A 28 -2.07 2.43 16.96
CA GLN A 28 -2.54 1.08 16.58
C GLN A 28 -3.89 1.19 15.89
N PRO A 29 -4.32 0.19 15.08
CA PRO A 29 -5.58 0.27 14.34
C PRO A 29 -6.80 0.62 15.21
N GLY A 30 -7.69 1.46 14.70
CA GLY A 30 -8.93 1.79 15.43
C GLY A 30 -9.93 0.65 15.28
N LYS A 31 -10.81 0.46 16.27
CA LYS A 31 -11.74 -0.70 16.24
C LYS A 31 -12.70 -0.57 15.05
N LEU A 32 -12.96 0.65 14.58
CA LEU A 32 -13.95 0.83 13.49
C LEU A 32 -13.41 0.27 12.18
N ALA A 33 -14.17 -0.61 11.52
CA ALA A 33 -13.76 -1.11 10.20
C ALA A 33 -13.92 0.04 9.20
N VAL A 34 -13.02 0.15 8.22
CA VAL A 34 -13.06 1.33 7.30
C VAL A 34 -13.32 0.90 5.87
N GLU A 35 -13.77 1.82 5.02
CA GLU A 35 -13.98 1.47 3.58
C GLU A 35 -13.41 2.59 2.70
N ALA A 36 -12.95 2.24 1.49
CA ALA A 36 -12.36 3.25 0.59
C ALA A 36 -13.30 3.48 -0.59
N ILE A 37 -13.66 4.75 -0.83
CA ILE A 37 -14.58 5.10 -1.95
C ILE A 37 -13.97 6.24 -2.76
N GLN A 38 -13.74 6.02 -4.05
CA GLN A 38 -13.12 7.06 -4.91
C GLN A 38 -14.21 7.83 -5.64
N VAL A 39 -14.95 8.66 -4.91
CA VAL A 39 -16.00 9.49 -5.57
C VAL A 39 -15.35 10.16 -6.79
N ASP A 40 -15.83 9.81 -7.99
CA ASP A 40 -15.23 10.37 -9.22
C ASP A 40 -16.12 11.52 -9.70
N GLU A 41 -15.61 12.34 -10.62
CA GLU A 41 -16.45 13.42 -11.19
C GLU A 41 -17.75 12.77 -11.65
N ASN A 42 -17.70 11.49 -11.99
CA ASN A 42 -18.92 10.78 -12.43
C ASN A 42 -19.59 10.15 -11.20
N ALA A 43 -20.04 11.02 -10.27
CA ALA A 43 -20.80 10.59 -9.07
C ALA A 43 -21.65 11.82 -8.73
N ALA A 44 -22.75 11.69 -7.99
CA ALA A 44 -23.63 12.87 -7.79
C ALA A 44 -23.96 13.11 -6.32
N PRO A 45 -23.87 14.34 -5.77
CA PRO A 45 -23.34 15.49 -6.52
C PRO A 45 -21.92 15.22 -7.05
N THR A 46 -21.63 15.69 -8.26
CA THR A 46 -20.28 15.52 -8.85
C THR A 46 -19.27 16.24 -7.97
N PRO A 47 -18.20 15.58 -7.50
CA PRO A 47 -17.19 16.25 -6.70
C PRO A 47 -16.55 17.35 -7.55
N PRO A 48 -16.28 18.55 -7.00
CA PRO A 48 -15.61 19.59 -7.75
C PRO A 48 -14.37 19.00 -8.41
N ILE A 49 -13.61 18.22 -7.65
CA ILE A 49 -12.38 17.56 -8.19
C ILE A 49 -12.37 16.12 -7.67
N PRO A 50 -11.74 15.15 -8.37
CA PRO A 50 -11.78 13.77 -7.92
C PRO A 50 -11.37 13.72 -6.44
N VAL A 51 -12.02 12.87 -5.65
CA VAL A 51 -11.71 12.80 -4.19
C VAL A 51 -11.77 11.35 -3.73
N LEU A 52 -10.83 10.95 -2.88
CA LEU A 52 -10.85 9.58 -2.30
C LEU A 52 -11.34 9.69 -0.86
N ILE A 53 -12.49 9.10 -0.56
CA ILE A 53 -13.06 9.25 0.82
C ILE A 53 -12.91 7.92 1.56
N VAL A 54 -12.10 7.89 2.60
CA VAL A 54 -11.98 6.65 3.42
C VAL A 54 -12.78 6.89 4.70
N ALA A 55 -13.85 6.13 4.92
CA ALA A 55 -14.72 6.42 6.09
C ALA A 55 -15.09 5.12 6.80
N PRO A 56 -15.35 5.16 8.12
CA PRO A 56 -15.75 3.97 8.87
C PRO A 56 -16.96 3.32 8.19
N LYS A 57 -16.91 2.00 8.03
CA LYS A 57 -18.01 1.27 7.37
C LYS A 57 -19.27 1.38 8.24
N ASP A 58 -19.12 1.32 9.56
CA ASP A 58 -20.28 1.36 10.49
C ASP A 58 -20.85 2.79 10.51
N ALA A 59 -22.13 2.94 10.84
CA ALA A 59 -22.76 4.28 10.80
C ALA A 59 -22.56 4.98 12.14
N GLY A 60 -22.94 6.26 12.21
CA GLY A 60 -22.81 7.02 13.46
C GLY A 60 -22.32 8.43 13.20
N THR A 61 -22.10 9.21 14.27
CA THR A 61 -21.59 10.59 14.11
C THR A 61 -20.07 10.54 13.94
N TYR A 62 -19.60 10.71 12.71
CA TYR A 62 -18.13 10.68 12.44
C TYR A 62 -17.68 12.07 12.00
N PRO A 63 -16.66 12.67 12.66
CA PRO A 63 -16.15 13.97 12.26
C PRO A 63 -15.55 13.86 10.85
N VAL A 64 -15.26 15.00 10.23
CA VAL A 64 -14.72 15.00 8.84
C VAL A 64 -13.35 15.67 8.84
N ALA A 65 -12.43 15.20 8.00
CA ALA A 65 -11.10 15.84 7.91
C ALA A 65 -10.62 15.79 6.45
N MET A 66 -9.85 16.79 6.04
CA MET A 66 -9.39 16.86 4.63
C MET A 66 -7.86 16.75 4.58
N LEU A 67 -7.34 15.77 3.84
CA LEU A 67 -5.90 15.62 3.69
C LEU A 67 -5.49 16.01 2.28
N LEU A 68 -4.53 16.92 2.17
CA LEU A 68 -4.05 17.43 0.90
C LEU A 68 -2.70 16.80 0.56
N HIS A 69 -2.64 16.11 -0.57
CA HIS A 69 -1.42 15.41 -0.94
C HIS A 69 -0.36 16.38 -1.45
N GLY A 70 0.89 15.94 -1.40
CA GLY A 70 2.00 16.76 -1.79
C GLY A 70 2.10 16.94 -3.30
N PHE A 71 3.21 17.53 -3.71
CA PHE A 71 3.44 17.80 -5.12
C PHE A 71 3.78 16.52 -5.88
N PHE A 72 3.28 16.43 -7.10
CA PHE A 72 3.60 15.25 -7.97
C PHE A 72 3.26 13.96 -7.22
N LEU A 73 2.24 13.99 -6.38
CA LEU A 73 1.88 12.79 -5.59
C LEU A 73 0.40 12.47 -5.79
N HIS A 74 0.00 11.22 -5.56
CA HIS A 74 -1.42 10.81 -5.72
C HIS A 74 -2.01 10.42 -4.36
N ASN A 75 -3.28 10.71 -4.12
CA ASN A 75 -3.92 10.42 -2.80
C ASN A 75 -3.86 8.92 -2.52
N HIS A 76 -3.81 8.10 -3.57
CA HIS A 76 -3.70 6.63 -3.39
C HIS A 76 -2.45 6.33 -2.56
N PHE A 77 -1.46 7.20 -2.59
CA PHE A 77 -0.20 6.88 -1.89
C PHE A 77 -0.38 7.01 -0.38
N TYR A 78 -1.49 7.62 0.06
CA TYR A 78 -1.62 7.87 1.52
C TYR A 78 -2.64 6.89 2.13
N GLU A 79 -3.07 5.92 1.34
CA GLU A 79 -4.14 4.99 1.79
C GLU A 79 -3.86 4.44 3.20
N HIS A 80 -2.67 3.91 3.46
CA HIS A 80 -2.50 3.30 4.81
C HIS A 80 -2.83 4.35 5.88
N LEU A 81 -2.11 5.47 5.87
CA LEU A 81 -2.29 6.46 6.95
C LEU A 81 -3.78 6.81 7.02
N LEU A 82 -4.39 7.02 5.85
CA LEU A 82 -5.81 7.39 5.82
C LEU A 82 -6.58 6.35 6.63
N ARG A 83 -6.41 5.07 6.30
CA ARG A 83 -7.16 3.98 6.98
C ARG A 83 -6.88 4.03 8.48
N HIS A 84 -5.62 4.06 8.88
CA HIS A 84 -5.35 4.02 10.34
C HIS A 84 -6.14 5.16 10.99
N VAL A 85 -6.02 6.37 10.46
CA VAL A 85 -6.71 7.51 11.14
C VAL A 85 -8.20 7.21 11.17
N ALA A 86 -8.76 6.99 9.99
CA ALA A 86 -10.21 6.70 9.88
C ALA A 86 -10.57 5.58 10.86
N SER A 87 -9.70 4.58 11.00
CA SER A 87 -10.06 3.43 11.87
C SER A 87 -10.42 3.96 13.26
N HIS A 88 -9.94 5.17 13.59
CA HIS A 88 -10.26 5.77 14.91
C HIS A 88 -11.49 6.68 14.76
N GLY A 89 -12.44 6.27 13.92
CA GLY A 89 -13.71 7.04 13.78
C GLY A 89 -13.49 8.43 13.19
N PHE A 90 -12.99 8.51 11.96
CA PHE A 90 -12.81 9.82 11.28
C PHE A 90 -13.09 9.68 9.78
N ILE A 91 -14.15 10.31 9.27
CA ILE A 91 -14.37 10.28 7.79
C ILE A 91 -13.33 11.21 7.18
N ILE A 92 -12.43 10.67 6.34
CA ILE A 92 -11.34 11.52 5.80
C ILE A 92 -11.56 11.75 4.30
N VAL A 93 -11.32 12.98 3.85
CA VAL A 93 -11.49 13.32 2.40
C VAL A 93 -10.11 13.60 1.81
N ALA A 94 -9.75 12.90 0.74
CA ALA A 94 -8.41 13.06 0.14
C ALA A 94 -8.53 13.66 -1.27
N PRO A 95 -8.48 14.99 -1.43
CA PRO A 95 -8.51 15.59 -2.75
C PRO A 95 -7.32 15.12 -3.60
N GLN A 96 -7.59 14.80 -4.87
CA GLN A 96 -6.51 14.39 -5.81
C GLN A 96 -6.20 15.59 -6.70
N PHE A 97 -5.36 16.52 -6.24
CA PHE A 97 -5.07 17.75 -7.04
C PHE A 97 -4.51 17.35 -8.40
N SER A 98 -4.51 18.29 -9.36
CA SER A 98 -3.97 18.01 -10.71
C SER A 98 -2.80 18.95 -11.01
N ILE A 99 -2.12 18.75 -12.13
CA ILE A 99 -0.93 19.57 -12.47
C ILE A 99 -1.32 21.05 -12.42
N SER A 100 -0.49 21.87 -11.76
CA SER A 100 -0.79 23.32 -11.65
C SER A 100 -0.14 24.06 -12.82
N ILE A 101 -0.96 24.62 -13.72
CA ILE A 101 -0.41 25.38 -14.89
C ILE A 101 0.34 26.61 -14.37
N ILE A 102 -0.21 27.26 -13.34
CA ILE A 102 0.43 28.49 -12.79
C ILE A 102 1.79 28.12 -12.24
N PRO A 103 2.92 28.58 -12.83
CA PRO A 103 4.23 28.30 -12.26
C PRO A 103 4.29 28.99 -10.89
N SER A 104 5.00 28.40 -9.93
CA SER A 104 5.17 29.04 -8.60
C SER A 104 3.80 29.49 -8.09
N GLY A 105 2.78 28.63 -8.22
CA GLY A 105 1.42 29.01 -7.79
C GLY A 105 0.67 27.89 -7.09
N ASP A 106 0.39 28.06 -5.80
CA ASP A 106 -0.42 27.05 -5.05
C ASP A 106 -1.90 27.44 -5.10
N ALA A 107 -2.18 28.66 -5.55
CA ALA A 107 -3.57 29.16 -5.57
C ALA A 107 -4.55 28.15 -6.16
N GLU A 108 -4.22 27.61 -7.34
CA GLU A 108 -5.16 26.69 -8.02
C GLU A 108 -5.57 25.62 -7.00
N ASP A 109 -4.59 24.97 -6.38
CA ASP A 109 -4.89 23.87 -5.42
C ASP A 109 -5.68 24.46 -4.23
N ILE A 110 -5.28 25.63 -3.73
CA ILE A 110 -5.97 26.21 -2.55
C ILE A 110 -7.46 26.32 -2.89
N ALA A 111 -7.75 26.91 -4.04
CA ALA A 111 -9.15 27.11 -4.44
C ALA A 111 -9.84 25.75 -4.59
N ALA A 112 -9.13 24.76 -5.12
CA ALA A 112 -9.76 23.43 -5.33
C ALA A 112 -10.12 22.84 -3.97
N ALA A 113 -9.22 22.96 -3.02
CA ALA A 113 -9.49 22.45 -1.66
C ALA A 113 -10.73 23.15 -1.12
N ALA A 114 -10.79 24.48 -1.29
CA ALA A 114 -11.94 25.22 -0.72
C ALA A 114 -13.24 24.72 -1.38
N LYS A 115 -13.20 24.51 -2.69
CA LYS A 115 -14.41 24.03 -3.40
C LYS A 115 -14.80 22.71 -2.74
N VAL A 116 -13.80 21.89 -2.46
CA VAL A 116 -14.10 20.55 -1.87
C VAL A 116 -14.86 20.78 -0.58
N ALA A 117 -14.50 21.81 0.20
CA ALA A 117 -15.14 22.02 1.51
C ALA A 117 -16.64 22.24 1.32
N ASP A 118 -16.97 23.19 0.45
CA ASP A 118 -18.39 23.54 0.23
C ASP A 118 -19.12 22.34 -0.38
N TRP A 119 -18.41 21.50 -1.13
CA TRP A 119 -19.05 20.29 -1.70
C TRP A 119 -19.31 19.28 -0.57
N LEU A 120 -18.50 19.34 0.48
CA LEU A 120 -18.64 18.33 1.57
C LEU A 120 -20.10 18.22 1.98
N PRO A 121 -20.79 19.30 2.41
CA PRO A 121 -22.16 19.18 2.93
C PRO A 121 -23.11 18.37 2.06
N ASP A 122 -23.35 18.80 0.82
CA ASP A 122 -24.32 18.13 -0.01
C ASP A 122 -23.77 16.81 -0.57
N GLY A 123 -22.49 16.77 -0.90
CA GLY A 123 -21.92 15.62 -1.57
C GLY A 123 -21.59 14.44 -0.67
N LEU A 124 -20.97 14.71 0.48
CA LEU A 124 -20.41 13.63 1.29
C LEU A 124 -21.45 12.61 1.75
N PRO A 125 -22.60 12.99 2.32
CA PRO A 125 -23.57 11.97 2.76
C PRO A 125 -24.13 11.12 1.63
N SER A 126 -24.06 11.58 0.39
CA SER A 126 -24.59 10.82 -0.74
C SER A 126 -23.69 9.67 -1.15
N VAL A 127 -22.41 9.75 -0.76
CA VAL A 127 -21.42 8.70 -1.16
C VAL A 127 -21.06 7.87 0.07
N LEU A 128 -21.13 8.48 1.25
CA LEU A 128 -20.77 7.77 2.51
C LEU A 128 -21.51 6.43 2.52
N PRO A 129 -20.97 5.39 3.21
CA PRO A 129 -21.70 4.13 3.32
C PRO A 129 -23.10 4.47 3.84
N LYS A 130 -24.13 3.96 3.17
CA LYS A 130 -25.52 4.32 3.56
C LYS A 130 -25.64 4.20 5.07
N GLY A 131 -26.09 5.27 5.74
CA GLY A 131 -26.25 5.25 7.20
C GLY A 131 -25.18 6.07 7.89
N VAL A 132 -23.95 6.00 7.40
CA VAL A 132 -22.85 6.82 7.97
C VAL A 132 -23.18 8.30 7.71
N GLU A 133 -23.00 9.14 8.72
CA GLU A 133 -23.34 10.58 8.56
C GLU A 133 -22.19 11.44 9.10
N PRO A 134 -21.84 12.58 8.46
CA PRO A 134 -20.70 13.37 8.89
C PRO A 134 -21.08 14.53 9.84
N GLU A 135 -20.32 14.71 10.92
CA GLU A 135 -20.57 15.88 11.81
C GLU A 135 -19.74 17.04 11.27
N LEU A 136 -20.09 17.57 10.10
CA LEU A 136 -19.27 18.63 9.47
C LEU A 136 -18.79 19.63 10.51
N SER A 137 -19.64 19.98 11.47
CA SER A 137 -19.24 21.01 12.46
C SER A 137 -17.78 20.77 12.83
N LYS A 138 -17.43 19.50 13.06
CA LYS A 138 -16.02 19.16 13.38
C LYS A 138 -15.29 18.78 12.09
N LEU A 139 -14.70 19.78 11.42
CA LEU A 139 -13.94 19.53 10.17
C LEU A 139 -12.47 19.88 10.38
N ALA A 140 -11.56 19.08 9.84
CA ALA A 140 -10.11 19.31 10.02
C ALA A 140 -9.41 19.30 8.66
N LEU A 141 -8.28 20.01 8.55
CA LEU A 141 -7.56 20.09 7.25
C LEU A 141 -6.11 19.67 7.47
N ALA A 142 -5.59 18.82 6.58
CA ALA A 142 -4.20 18.35 6.69
C ALA A 142 -3.56 18.30 5.30
N GLY A 143 -2.23 18.48 5.24
CA GLY A 143 -1.53 18.45 3.94
C GLY A 143 -0.16 17.82 4.05
N HIS A 144 0.48 17.53 2.92
CA HIS A 144 1.87 16.99 2.94
C HIS A 144 2.77 17.84 2.04
N SER A 145 3.95 18.20 2.53
CA SER A 145 4.88 19.04 1.74
C SER A 145 4.10 20.25 1.21
N ARG A 146 4.22 20.51 -0.09
CA ARG A 146 3.49 21.64 -0.72
C ARG A 146 2.01 21.51 -0.36
N GLY A 147 1.55 20.28 -0.15
CA GLY A 147 0.16 20.10 0.28
C GLY A 147 -0.05 20.81 1.62
N GLY A 148 0.95 20.70 2.48
CA GLY A 148 0.86 21.42 3.77
C GLY A 148 0.77 22.91 3.56
N HIS A 149 1.61 23.44 2.67
CA HIS A 149 1.52 24.88 2.33
C HIS A 149 0.07 25.14 1.92
N THR A 150 -0.42 24.36 0.96
CA THR A 150 -1.79 24.61 0.47
C THR A 150 -2.74 24.79 1.66
N ALA A 151 -2.83 23.76 2.50
CA ALA A 151 -3.79 23.79 3.63
C ALA A 151 -3.54 24.95 4.60
N PHE A 152 -2.28 25.13 5.02
CA PHE A 152 -2.01 26.19 6.00
C PHE A 152 -2.54 27.48 5.38
N SER A 153 -2.36 27.61 4.06
CA SER A 153 -2.85 28.82 3.37
C SER A 153 -4.36 28.93 3.56
N LEU A 154 -5.09 27.87 3.27
CA LEU A 154 -6.56 27.98 3.36
C LEU A 154 -6.90 28.45 4.76
N ALA A 155 -6.33 27.78 5.76
CA ALA A 155 -6.65 28.11 7.15
C ALA A 155 -6.35 29.58 7.39
N LEU A 156 -5.13 30.01 7.07
CA LEU A 156 -4.75 31.41 7.36
C LEU A 156 -5.87 32.28 6.81
N GLY A 157 -6.65 31.74 5.87
CA GLY A 157 -7.82 32.49 5.36
C GLY A 157 -7.63 33.05 3.97
N HIS A 158 -6.69 32.50 3.18
CA HIS A 158 -6.54 32.97 1.78
C HIS A 158 -7.84 32.69 1.01
N ALA A 159 -8.66 31.78 1.53
CA ALA A 159 -9.96 31.54 0.89
C ALA A 159 -11.06 31.57 1.97
N LYS A 160 -12.31 31.42 1.56
CA LYS A 160 -13.44 31.38 2.53
C LYS A 160 -14.33 30.17 2.26
N THR A 161 -14.39 29.23 3.21
CA THR A 161 -15.23 28.02 3.06
C THR A 161 -16.43 28.13 3.99
N GLN A 162 -17.64 27.90 3.47
CA GLN A 162 -18.85 28.05 4.31
C GLN A 162 -18.64 27.24 5.58
N LEU A 163 -18.30 25.95 5.45
CA LEU A 163 -17.97 25.15 6.65
C LEU A 163 -16.74 25.79 7.29
N THR A 164 -16.74 25.93 8.60
CA THR A 164 -15.55 26.51 9.30
C THR A 164 -14.75 25.37 9.91
N PHE A 165 -13.55 25.11 9.37
CA PHE A 165 -12.68 24.04 9.91
C PHE A 165 -12.41 24.32 11.39
N SER A 166 -11.87 23.34 12.11
CA SER A 166 -11.66 23.53 13.56
C SER A 166 -10.25 23.10 13.98
N ALA A 167 -9.39 22.77 13.03
CA ALA A 167 -8.02 22.30 13.36
C ALA A 167 -7.13 22.30 12.11
N LEU A 168 -5.81 22.36 12.29
CA LEU A 168 -4.86 22.36 11.15
C LEU A 168 -3.69 21.42 11.45
N ILE A 169 -3.40 20.49 10.55
CA ILE A 169 -2.26 19.55 10.73
C ILE A 169 -1.33 19.68 9.53
N GLY A 170 -0.02 19.74 9.78
CA GLY A 170 0.95 19.85 8.68
C GLY A 170 1.89 18.65 8.65
N LEU A 171 1.75 17.78 7.66
CA LEU A 171 2.66 16.61 7.53
C LEU A 171 3.95 17.06 6.86
N ASP A 172 4.97 17.39 7.65
CA ASP A 172 6.26 17.87 7.10
C ASP A 172 5.96 18.96 6.07
N PRO A 173 5.40 20.12 6.46
CA PRO A 173 5.03 21.15 5.50
C PRO A 173 6.23 21.62 4.67
N VAL A 174 6.03 21.92 3.40
CA VAL A 174 7.13 22.47 2.56
C VAL A 174 6.67 23.79 1.95
N ALA A 175 7.21 24.93 2.42
CA ALA A 175 6.78 26.25 1.93
C ALA A 175 7.15 26.41 0.45
N GLY A 176 8.38 26.02 0.08
CA GLY A 176 8.83 26.19 -1.31
C GLY A 176 10.30 25.83 -1.47
N THR A 177 10.97 26.43 -2.46
CA THR A 177 12.40 26.10 -2.73
C THR A 177 13.30 26.66 -1.63
N GLY A 178 13.15 27.94 -1.29
CA GLY A 178 14.06 28.57 -0.31
C GLY A 178 13.49 29.85 0.27
N LYS A 179 14.22 30.47 1.21
CA LYS A 179 13.73 31.69 1.89
C LYS A 179 13.36 32.75 0.85
N SER A 180 14.24 32.97 -0.12
CA SER A 180 13.98 33.98 -1.18
C SER A 180 13.06 33.38 -2.24
N SER A 181 12.73 32.09 -2.12
CA SER A 181 11.91 31.42 -3.16
C SER A 181 10.79 30.61 -2.51
N GLN A 182 9.75 31.27 -2.01
CA GLN A 182 8.61 30.56 -1.38
C GLN A 182 7.48 30.38 -2.40
N LEU A 183 6.80 29.23 -2.38
CA LEU A 183 5.64 29.09 -3.29
C LEU A 183 4.59 30.11 -2.89
N GLN A 184 4.20 30.98 -3.82
CA GLN A 184 3.14 31.99 -3.54
C GLN A 184 1.81 31.27 -3.32
N PRO A 185 1.05 31.56 -2.25
CA PRO A 185 1.32 32.71 -1.40
C PRO A 185 2.44 32.44 -0.39
N LYS A 186 3.33 33.42 -0.19
CA LYS A 186 4.44 33.25 0.78
C LYS A 186 3.87 33.37 2.19
N ILE A 187 3.26 32.29 2.69
CA ILE A 187 2.61 32.32 4.04
C ILE A 187 3.69 32.58 5.11
N LEU A 188 4.92 32.16 4.86
CA LEU A 188 5.99 32.31 5.88
C LEU A 188 6.27 33.79 6.13
N THR A 189 6.44 34.17 7.39
CA THR A 189 6.76 35.58 7.73
C THR A 189 8.10 35.62 8.47
N TYR A 190 8.54 34.49 9.02
CA TYR A 190 9.80 34.44 9.80
C TYR A 190 9.63 35.26 11.07
N GLU A 191 8.37 35.49 11.48
CA GLU A 191 8.10 36.19 12.76
C GLU A 191 7.27 35.25 13.63
N PRO A 192 7.74 34.85 14.83
CA PRO A 192 7.02 33.86 15.64
C PRO A 192 5.53 34.13 15.83
N SER A 193 4.73 33.06 15.92
CA SER A 193 3.26 33.20 16.17
C SER A 193 2.70 34.35 15.32
N SER A 194 3.08 34.42 14.05
CA SER A 194 2.50 35.45 13.15
C SER A 194 1.21 34.89 12.56
N PHE A 195 1.08 33.57 12.55
CA PHE A 195 -0.10 32.92 11.93
C PHE A 195 -1.38 33.40 12.60
N GLY A 196 -2.15 34.24 11.90
CA GLY A 196 -3.43 34.72 12.45
C GLY A 196 -4.59 33.78 12.21
N MET A 197 -4.52 32.57 12.78
CA MET A 197 -5.61 31.58 12.67
C MET A 197 -6.04 31.20 14.07
N ALA A 198 -7.30 30.80 14.26
CA ALA A 198 -7.80 30.45 15.61
C ALA A 198 -7.99 28.94 15.76
N MET A 199 -7.33 28.15 14.92
CA MET A 199 -7.46 26.67 14.97
C MET A 199 -6.22 26.09 15.63
N PRO A 200 -6.31 25.00 16.42
CA PRO A 200 -5.14 24.37 16.98
C PRO A 200 -4.27 23.89 15.80
N VAL A 201 -2.95 23.94 15.94
CA VAL A 201 -2.06 23.58 14.80
C VAL A 201 -1.13 22.44 15.21
N LEU A 202 -0.97 21.42 14.35
CA LEU A 202 -0.03 20.32 14.65
C LEU A 202 0.99 20.23 13.50
N VAL A 203 2.28 20.32 13.81
CA VAL A 203 3.34 20.27 12.77
C VAL A 203 4.15 18.98 12.94
N ILE A 204 3.83 17.95 12.17
CA ILE A 204 4.62 16.68 12.24
C ILE A 204 5.72 16.77 11.18
N GLY A 205 6.99 16.81 11.62
CA GLY A 205 8.11 16.93 10.71
C GLY A 205 8.95 15.66 10.69
N THR A 206 9.87 15.63 9.74
CA THR A 206 10.79 14.52 9.56
C THR A 206 12.21 15.03 9.65
N GLY A 207 13.04 14.34 10.46
CA GLY A 207 14.40 14.77 10.68
C GLY A 207 15.29 14.66 9.45
N LEU A 208 14.89 13.86 8.47
CA LEU A 208 15.67 13.65 7.25
C LEU A 208 15.19 14.50 6.08
N GLY A 209 14.09 15.23 6.24
CA GLY A 209 13.61 16.08 5.16
C GLY A 209 14.54 17.16 4.67
N GLU A 210 15.40 17.67 5.55
CA GLU A 210 16.37 18.69 5.16
C GLU A 210 17.69 18.11 4.61
N GLU A 211 17.74 16.78 4.51
CA GLU A 211 19.01 16.13 4.08
C GLU A 211 18.90 15.96 2.56
N LYS A 212 19.96 16.27 1.82
CA LYS A 212 19.94 16.11 0.34
C LYS A 212 20.05 14.62 0.03
N LYS A 213 20.19 14.26 -1.25
CA LYS A 213 20.37 12.83 -1.62
C LYS A 213 20.94 12.76 -3.03
N ASN A 214 21.88 11.84 -3.27
CA ASN A 214 22.42 11.65 -4.65
C ASN A 214 23.04 12.95 -5.15
N ILE A 215 23.21 13.94 -4.27
CA ILE A 215 23.80 15.24 -4.68
C ILE A 215 22.85 15.91 -5.66
N PHE A 216 22.52 15.22 -6.75
CA PHE A 216 21.67 15.81 -7.81
C PHE A 216 20.28 16.14 -7.25
N PHE A 217 19.88 15.48 -6.15
CA PHE A 217 18.51 15.69 -5.62
C PHE A 217 18.55 16.56 -4.36
N PRO A 218 18.16 17.85 -4.44
CA PRO A 218 18.22 18.74 -3.29
C PRO A 218 17.24 18.32 -2.20
N PRO A 219 17.44 18.73 -0.93
CA PRO A 219 16.57 18.32 0.17
C PRO A 219 15.09 18.53 -0.14
N CYS A 220 14.25 17.53 0.13
CA CYS A 220 12.82 17.64 -0.14
C CYS A 220 12.14 18.64 0.79
N ALA A 221 12.66 18.71 2.02
CA ALA A 221 12.14 19.69 2.99
C ALA A 221 13.24 20.73 3.22
N PRO A 222 13.51 21.64 2.26
CA PRO A 222 14.61 22.58 2.40
C PRO A 222 14.61 23.29 3.76
N LYS A 223 15.79 23.69 4.23
CA LYS A 223 15.89 24.40 5.53
C LYS A 223 15.37 25.82 5.36
N ASP A 224 14.99 26.47 6.45
CA ASP A 224 14.49 27.87 6.40
C ASP A 224 13.08 27.87 5.82
N VAL A 225 12.60 26.72 5.36
CA VAL A 225 11.20 26.60 4.87
C VAL A 225 10.68 25.22 5.29
N ASN A 226 11.28 24.69 6.36
CA ASN A 226 10.82 23.38 6.89
C ASN A 226 10.09 23.27 8.23
N HIS A 227 9.98 22.08 8.81
CA HIS A 227 9.18 21.92 10.07
C HIS A 227 9.73 22.87 11.15
N ALA A 228 10.96 23.34 10.99
CA ALA A 228 11.60 24.20 12.02
C ALA A 228 10.85 25.54 12.13
N GLU A 229 10.63 26.23 11.00
CA GLU A 229 9.99 27.57 11.03
C GLU A 229 8.46 27.42 11.03
N PHE A 230 7.95 26.56 10.14
CA PHE A 230 6.48 26.37 10.04
C PHE A 230 5.87 26.43 11.45
N TYR A 231 6.42 25.65 12.39
CA TYR A 231 5.88 25.61 13.77
C TYR A 231 6.08 26.97 14.46
N ARG A 232 7.26 27.58 14.29
CA ARG A 232 7.54 28.87 14.97
C ARG A 232 6.45 29.88 14.64
N GLU A 233 6.09 30.00 13.35
CA GLU A 233 5.07 31.00 12.93
C GLU A 233 3.69 30.56 13.44
N CYS A 234 3.50 29.26 13.73
CA CYS A 234 2.22 28.80 14.31
C CYS A 234 2.03 29.52 15.66
N ARG A 235 0.81 29.52 16.18
CA ARG A 235 0.54 30.28 17.43
C ARG A 235 -0.35 29.44 18.36
N PRO A 236 -0.23 29.55 19.69
CA PRO A 236 -1.01 28.74 20.61
C PRO A 236 -2.48 28.64 20.21
N PRO A 237 -3.16 27.49 20.40
CA PRO A 237 -2.46 26.26 20.74
C PRO A 237 -1.61 25.80 19.56
N CYS A 238 -0.32 25.48 19.81
CA CYS A 238 0.58 25.01 18.73
C CYS A 238 1.43 23.86 19.25
N TYR A 239 1.58 22.80 18.45
CA TYR A 239 2.35 21.60 18.89
C TYR A 239 3.37 21.21 17.82
N TYR A 240 4.51 20.65 18.24
CA TYR A 240 5.57 20.28 17.26
C TYR A 240 6.14 18.90 17.58
N LEU A 241 6.14 17.99 16.60
CA LEU A 241 6.73 16.64 16.78
C LEU A 241 7.54 16.28 15.54
N VAL A 242 8.64 15.54 15.71
CA VAL A 242 9.53 15.25 14.55
C VAL A 242 9.95 13.78 14.58
N THR A 243 9.75 13.05 13.47
CA THR A 243 10.24 11.65 13.39
C THR A 243 11.70 11.67 12.97
N LYS A 244 12.62 11.72 13.93
CA LYS A 244 14.08 11.76 13.58
C LYS A 244 14.56 10.54 12.69
N ASP A 245 13.85 9.43 12.92
CA ASP A 245 14.13 8.17 12.18
C ASP A 245 13.56 7.92 10.78
N TYR A 246 12.93 8.93 10.17
CA TYR A 246 12.28 8.72 8.85
C TYR A 246 12.44 9.94 7.96
N GLY A 247 12.09 9.82 6.69
CA GLY A 247 12.26 10.94 5.73
C GLY A 247 10.97 11.61 5.29
N HIS A 248 11.04 12.38 4.22
CA HIS A 248 9.87 13.16 3.71
C HIS A 248 8.74 12.24 3.30
N LEU A 249 9.01 11.32 2.37
CA LEU A 249 7.91 10.50 1.79
C LEU A 249 7.76 9.17 2.52
N ASP A 250 8.62 8.89 3.50
CA ASP A 250 8.55 7.56 4.16
C ASP A 250 7.18 7.13 4.68
N MET A 251 6.27 8.09 4.88
CA MET A 251 4.89 7.77 5.35
C MET A 251 3.91 7.30 4.23
N LEU A 252 4.35 7.58 3.00
CA LEU A 252 3.54 7.21 1.81
C LEU A 252 3.40 5.69 1.98
N ASP A 253 2.41 5.09 1.34
CA ASP A 253 2.17 3.62 1.40
C ASP A 253 3.40 2.89 0.83
N ASP A 254 3.53 1.59 1.11
CA ASP A 254 4.69 0.80 0.64
C ASP A 254 4.50 0.40 -0.83
N ASP A 255 3.26 0.42 -1.32
CA ASP A 255 2.99 0.09 -2.74
C ASP A 255 3.25 1.34 -3.59
N ALA A 256 3.97 2.31 -3.04
CA ALA A 256 4.26 3.58 -3.76
C ALA A 256 4.97 3.30 -5.09
N PRO A 257 4.94 4.24 -6.06
CA PRO A 257 5.60 4.07 -7.34
C PRO A 257 7.10 3.84 -7.16
N LYS A 258 7.66 4.32 -6.06
CA LYS A 258 9.12 4.18 -5.81
C LYS A 258 9.87 5.10 -6.79
N PHE A 259 9.58 4.95 -8.09
CA PHE A 259 10.21 5.83 -9.10
C PHE A 259 10.16 7.27 -8.58
N ILE A 260 9.08 7.60 -7.86
CA ILE A 260 8.93 8.97 -7.29
C ILE A 260 9.38 8.94 -5.83
N THR A 261 8.97 7.94 -5.07
CA THR A 261 9.29 7.92 -3.62
C THR A 261 10.79 8.10 -3.42
N CYS A 262 11.61 7.50 -4.27
CA CYS A 262 13.08 7.54 -4.04
C CYS A 262 13.62 8.97 -4.12
N VAL A 263 12.86 9.89 -4.72
CA VAL A 263 13.40 11.27 -4.90
C VAL A 263 13.78 11.87 -3.55
N CYS A 264 13.17 11.37 -2.46
CA CYS A 264 13.41 11.98 -1.13
C CYS A 264 14.20 11.01 -0.25
N LYS A 265 14.92 11.53 0.74
CA LYS A 265 15.74 10.67 1.63
C LYS A 265 14.84 9.60 2.24
N ASP A 266 15.33 8.37 2.35
CA ASP A 266 14.49 7.27 2.87
C ASP A 266 15.14 6.72 4.14
N GLY A 267 14.39 6.68 5.24
CA GLY A 267 14.92 6.09 6.48
C GLY A 267 15.11 4.61 6.34
N ASN A 268 15.84 3.99 7.27
CA ASN A 268 16.12 2.53 7.19
C ASN A 268 15.11 1.77 8.06
N GLY A 269 14.47 2.46 9.00
CA GLY A 269 13.48 1.82 9.88
C GLY A 269 12.21 1.44 9.12
N CYS A 270 11.41 0.54 9.68
CA CYS A 270 10.18 0.06 8.99
C CYS A 270 9.31 1.26 8.63
N LYS A 271 9.03 1.45 7.34
CA LYS A 271 8.17 2.57 6.90
C LYS A 271 6.82 2.45 7.61
N GLY A 272 6.31 1.23 7.67
CA GLY A 272 4.99 1.02 8.30
C GLY A 272 5.00 1.56 9.71
N LYS A 273 6.14 1.44 10.41
CA LYS A 273 6.24 2.02 11.78
C LYS A 273 5.86 3.50 11.73
N MET A 274 6.53 4.26 10.85
CA MET A 274 6.24 5.73 10.75
C MET A 274 4.78 5.94 10.37
N ARG A 275 4.28 5.19 9.39
CA ARG A 275 2.88 5.34 8.92
C ARG A 275 1.94 5.34 10.13
N ARG A 276 2.18 4.43 11.08
CA ARG A 276 1.27 4.31 12.26
C ARG A 276 1.64 5.42 13.24
N CYS A 277 2.93 5.76 13.32
CA CYS A 277 3.38 6.78 14.28
C CYS A 277 2.65 8.07 13.87
N VAL A 278 2.75 8.43 12.60
CA VAL A 278 2.12 9.69 12.13
C VAL A 278 0.62 9.56 12.35
N ALA A 279 0.08 8.39 12.02
CA ALA A 279 -1.37 8.16 12.17
C ALA A 279 -1.77 8.50 13.60
N GLY A 280 -1.09 7.93 14.57
CA GLY A 280 -1.44 8.17 15.98
C GLY A 280 -1.28 9.64 16.32
N ILE A 281 -0.09 10.20 16.07
CA ILE A 281 0.07 11.62 16.48
C ILE A 281 -1.17 12.34 15.99
N MET A 282 -1.43 12.24 14.69
CA MET A 282 -2.60 12.93 14.10
C MET A 282 -3.86 12.47 14.80
N VAL A 283 -4.10 11.15 14.83
CA VAL A 283 -5.38 10.65 15.40
C VAL A 283 -5.61 11.37 16.73
N ALA A 284 -4.60 11.40 17.58
CA ALA A 284 -4.77 12.03 18.91
C ALA A 284 -5.10 13.50 18.72
N PHE A 285 -4.21 14.23 18.03
CA PHE A 285 -4.43 15.69 17.92
C PHE A 285 -5.90 15.91 17.58
N LEU A 286 -6.39 15.14 16.61
CA LEU A 286 -7.82 15.28 16.21
C LEU A 286 -8.69 15.05 17.44
N ASN A 287 -8.44 13.96 18.16
CA ASN A 287 -9.29 13.64 19.33
C ASN A 287 -9.22 14.78 20.35
N ALA A 288 -8.04 15.39 20.51
CA ALA A 288 -7.86 16.44 21.53
C ALA A 288 -8.59 17.72 21.15
N ALA A 289 -8.64 18.06 19.86
CA ALA A 289 -9.24 19.35 19.45
C ALA A 289 -10.73 19.19 19.17
N LEU A 290 -11.18 17.96 18.91
CA LEU A 290 -12.61 17.73 18.55
C LEU A 290 -13.32 16.99 19.69
N GLY A 291 -12.58 16.50 20.68
CA GLY A 291 -13.20 15.82 21.83
C GLY A 291 -12.63 16.32 23.15
N GLU A 292 -11.62 17.19 23.09
CA GLU A 292 -10.96 17.69 24.32
C GLU A 292 -10.61 16.54 25.28
N LYS A 293 -10.53 15.32 24.75
CA LYS A 293 -10.09 14.17 25.59
C LYS A 293 -8.69 14.46 26.15
N ASP A 294 -7.86 15.10 25.32
CA ASP A 294 -6.52 15.52 25.79
C ASP A 294 -5.93 14.38 26.61
N ALA A 295 -6.01 13.15 26.08
CA ALA A 295 -5.49 11.99 26.81
C ALA A 295 -4.25 11.46 26.10
N ASP A 296 -4.47 10.75 24.99
CA ASP A 296 -3.32 10.15 24.26
C ASP A 296 -2.32 11.27 23.94
N LEU A 297 -2.81 12.41 23.46
CA LEU A 297 -1.90 13.52 23.08
C LEU A 297 -1.07 13.91 24.30
N GLU A 298 -1.72 14.15 25.44
CA GLU A 298 -0.98 14.61 26.64
C GLU A 298 0.11 13.59 26.95
N ALA A 299 -0.26 12.30 26.92
CA ALA A 299 0.70 11.24 27.24
C ALA A 299 1.86 11.32 26.25
N ILE A 300 1.55 11.41 24.96
CA ILE A 300 2.63 11.42 23.92
C ILE A 300 3.55 12.60 24.23
N LEU A 301 2.97 13.78 24.45
CA LEU A 301 3.78 14.98 24.78
C LEU A 301 4.50 14.71 26.10
N ARG A 302 3.86 13.98 27.01
CA ARG A 302 4.47 13.69 28.33
C ARG A 302 5.67 12.75 28.14
N ASP A 303 5.48 11.67 27.38
CA ASP A 303 6.57 10.67 27.17
C ASP A 303 6.53 10.17 25.74
N PRO A 304 7.28 10.78 24.80
CA PRO A 304 7.24 10.37 23.40
C PRO A 304 7.61 8.89 23.24
N ALA A 305 8.25 8.30 24.25
CA ALA A 305 8.70 6.90 24.12
C ALA A 305 7.54 6.01 23.67
N VAL A 306 6.33 6.30 24.14
CA VAL A 306 5.16 5.44 23.80
C VAL A 306 5.14 5.24 22.28
N ALA A 307 5.55 6.26 21.54
CA ALA A 307 5.52 6.19 20.06
C ALA A 307 6.45 5.07 19.59
N PRO A 308 6.06 4.26 18.59
CA PRO A 308 6.94 3.24 18.06
C PRO A 308 8.26 3.85 17.59
N THR A 309 8.20 4.99 16.91
CA THR A 309 9.44 5.60 16.34
C THR A 309 10.10 6.55 17.35
N THR A 310 11.03 7.38 16.87
CA THR A 310 11.74 8.32 17.76
C THR A 310 11.21 9.74 17.52
N LEU A 311 10.43 10.25 18.47
CA LEU A 311 9.85 11.61 18.32
C LEU A 311 10.81 12.62 18.92
N ASP A 312 11.48 13.40 18.07
CA ASP A 312 12.48 14.38 18.56
C ASP A 312 12.70 15.41 17.45
N PRO A 313 12.68 16.73 17.77
CA PRO A 313 12.26 17.17 19.09
C PRO A 313 10.74 17.09 19.24
N VAL A 314 10.23 17.41 20.43
CA VAL A 314 8.75 17.43 20.65
C VAL A 314 8.47 18.60 21.58
N GLU A 315 7.77 19.62 21.08
CA GLU A 315 7.51 20.83 21.91
C GLU A 315 6.06 21.25 21.73
N HIS A 316 5.43 21.75 22.80
CA HIS A 316 4.01 22.17 22.74
C HIS A 316 3.86 23.53 23.43
N ARG A 317 3.06 24.42 22.87
CA ARG A 317 2.85 25.76 23.46
C ARG A 317 1.36 26.01 23.65
N VAL A 318 0.75 25.38 24.66
CA VAL A 318 -0.69 25.58 24.95
C VAL A 318 -0.85 26.90 25.72
N ALA A 319 -1.86 27.68 25.37
CA ALA A 319 -2.04 28.99 26.04
C ALA A 319 -1.92 28.77 27.55
N GLU A 320 -2.49 27.68 28.07
CA GLU A 320 -2.42 27.38 29.52
C GLU A 320 -2.53 25.87 29.72
N ALA B 22 27.21 -8.46 0.63
CA ALA B 22 26.53 -8.21 -0.66
C ALA B 22 25.60 -9.38 -0.98
N PHE B 23 26.15 -10.49 -1.47
CA PHE B 23 25.33 -11.69 -1.76
C PHE B 23 24.26 -11.35 -2.81
N THR B 24 22.98 -11.49 -2.45
CA THR B 24 21.89 -11.28 -3.44
C THR B 24 21.18 -9.94 -3.15
N SER B 25 20.87 -9.18 -4.20
CA SER B 25 20.11 -7.91 -4.02
C SER B 25 18.66 -8.18 -4.39
N VAL B 26 18.31 -9.44 -4.62
CA VAL B 26 16.93 -9.80 -5.03
C VAL B 26 15.96 -9.25 -3.97
N PHE B 27 16.21 -9.55 -2.70
CA PHE B 27 15.36 -9.02 -1.62
C PHE B 27 15.35 -7.49 -1.74
N GLN B 28 16.47 -6.92 -2.18
CA GLN B 28 16.57 -5.44 -2.28
C GLN B 28 15.71 -4.95 -3.45
N PRO B 29 15.35 -3.66 -3.52
CA PRO B 29 14.51 -3.14 -4.59
C PRO B 29 15.17 -3.29 -5.97
N GLY B 30 14.38 -3.67 -6.98
CA GLY B 30 14.91 -3.80 -8.35
C GLY B 30 15.18 -2.44 -8.96
N LYS B 31 16.30 -2.28 -9.66
CA LYS B 31 16.68 -0.94 -10.21
C LYS B 31 15.69 -0.52 -11.29
N LEU B 32 15.24 -1.46 -12.14
CA LEU B 32 14.33 -1.09 -13.25
C LEU B 32 13.11 -0.40 -12.65
N ALA B 33 12.69 0.74 -13.20
CA ALA B 33 11.47 1.41 -12.73
C ALA B 33 10.25 0.63 -13.24
N VAL B 34 9.10 0.79 -12.59
CA VAL B 34 7.90 -0.04 -12.98
C VAL B 34 6.70 0.87 -13.22
N GLU B 35 5.72 0.39 -13.99
CA GLU B 35 4.50 1.17 -14.27
C GLU B 35 3.27 0.30 -14.01
N ALA B 36 2.25 0.87 -13.36
CA ALA B 36 1.03 0.10 -13.04
C ALA B 36 0.01 0.27 -14.18
N ILE B 37 -0.48 -0.86 -14.71
CA ILE B 37 -1.44 -0.79 -15.85
C ILE B 37 -2.60 -1.76 -15.57
N GLN B 38 -3.84 -1.28 -15.71
CA GLN B 38 -5.03 -2.14 -15.50
C GLN B 38 -5.86 -2.01 -16.77
N VAL B 39 -6.26 -3.14 -17.36
CA VAL B 39 -7.18 -3.08 -18.54
C VAL B 39 -8.60 -3.17 -17.99
N ASP B 40 -9.46 -2.23 -18.35
CA ASP B 40 -10.84 -2.18 -17.78
C ASP B 40 -11.80 -2.83 -18.79
N GLU B 41 -11.28 -3.70 -19.65
CA GLU B 41 -12.13 -4.30 -20.72
C GLU B 41 -12.57 -3.16 -21.66
N ASN B 42 -11.90 -2.00 -21.56
CA ASN B 42 -12.25 -0.83 -22.41
C ASN B 42 -11.10 -0.55 -23.37
N ALA B 43 -10.10 -1.46 -23.41
CA ALA B 43 -8.93 -1.29 -24.31
C ALA B 43 -8.80 -2.51 -25.21
N ALA B 44 -8.89 -2.31 -26.54
CA ALA B 44 -8.78 -3.43 -27.50
C ALA B 44 -7.33 -3.92 -27.55
N PRO B 45 -7.09 -5.23 -27.82
CA PRO B 45 -8.13 -6.24 -27.70
C PRO B 45 -8.58 -6.35 -26.24
N THR B 46 -9.89 -6.19 -25.99
CA THR B 46 -10.42 -6.28 -24.62
C THR B 46 -10.03 -7.63 -24.01
N PRO B 47 -9.72 -7.69 -22.70
CA PRO B 47 -9.29 -8.94 -22.08
C PRO B 47 -10.48 -9.82 -21.71
N PRO B 48 -10.29 -11.11 -21.38
CA PRO B 48 -11.39 -11.96 -20.94
C PRO B 48 -11.95 -11.36 -19.65
N ILE B 49 -11.06 -10.94 -18.75
CA ILE B 49 -11.51 -10.31 -17.47
C ILE B 49 -10.53 -9.18 -17.13
N PRO B 50 -10.87 -8.26 -16.20
CA PRO B 50 -9.94 -7.21 -15.79
C PRO B 50 -8.65 -7.82 -15.22
N VAL B 51 -7.49 -7.34 -15.69
CA VAL B 51 -6.20 -7.83 -15.15
C VAL B 51 -5.30 -6.62 -14.84
N LEU B 52 -4.56 -6.69 -13.74
CA LEU B 52 -3.60 -5.60 -13.43
C LEU B 52 -2.25 -5.98 -14.04
N ILE B 53 -1.61 -5.06 -14.77
CA ILE B 53 -0.33 -5.37 -15.46
C ILE B 53 0.77 -4.47 -14.90
N VAL B 54 1.80 -5.07 -14.32
CA VAL B 54 2.96 -4.27 -13.83
C VAL B 54 4.15 -4.64 -14.71
N ALA B 55 4.67 -3.66 -15.46
CA ALA B 55 5.79 -3.97 -16.40
C ALA B 55 6.84 -2.87 -16.33
N PRO B 56 8.14 -3.18 -16.49
CA PRO B 56 9.17 -2.17 -16.50
C PRO B 56 8.94 -1.18 -17.64
N LYS B 57 8.83 0.11 -17.33
CA LYS B 57 8.68 1.13 -18.39
C LYS B 57 9.93 1.10 -19.26
N ASP B 58 11.10 0.91 -18.64
CA ASP B 58 12.36 0.86 -19.40
C ASP B 58 12.19 -0.13 -20.55
N ALA B 59 12.80 0.15 -21.70
CA ALA B 59 12.60 -0.70 -22.89
C ALA B 59 13.34 -2.03 -22.74
N GLY B 60 13.20 -2.92 -23.72
CA GLY B 60 13.90 -4.22 -23.69
C GLY B 60 12.91 -5.36 -23.52
N THR B 61 13.10 -6.44 -24.28
CA THR B 61 12.22 -7.62 -24.10
C THR B 61 12.29 -8.04 -22.63
N TYR B 62 11.16 -8.44 -22.05
CA TYR B 62 11.12 -8.85 -20.62
C TYR B 62 10.33 -10.15 -20.49
N PRO B 63 10.63 -11.04 -19.51
CA PRO B 63 9.83 -12.24 -19.31
C PRO B 63 8.46 -11.85 -18.76
N VAL B 64 7.51 -12.79 -18.72
CA VAL B 64 6.13 -12.46 -18.26
C VAL B 64 5.68 -13.52 -17.24
N ALA B 65 4.85 -13.11 -16.28
CA ALA B 65 4.36 -14.04 -15.24
C ALA B 65 2.92 -13.71 -14.87
N MET B 66 2.17 -14.69 -14.37
CA MET B 66 0.74 -14.46 -14.00
C MET B 66 0.54 -14.76 -12.51
N LEU B 67 -0.11 -13.85 -11.78
CA LEU B 67 -0.43 -14.11 -10.35
C LEU B 67 -1.94 -14.25 -10.19
N LEU B 68 -2.38 -15.22 -9.39
CA LEU B 68 -3.84 -15.48 -9.23
C LEU B 68 -4.30 -14.97 -7.86
N HIS B 69 -5.19 -13.98 -7.83
CA HIS B 69 -5.65 -13.39 -6.55
C HIS B 69 -6.37 -14.46 -5.73
N GLY B 70 -6.17 -14.43 -4.41
CA GLY B 70 -6.87 -15.38 -3.53
C GLY B 70 -8.33 -15.01 -3.38
N PHE B 71 -9.15 -15.91 -2.81
CA PHE B 71 -10.60 -15.63 -2.70
C PHE B 71 -10.82 -14.38 -1.86
N PHE B 72 -11.88 -13.64 -2.15
CA PHE B 72 -12.20 -12.45 -1.33
C PHE B 72 -10.94 -11.59 -1.23
N LEU B 73 -10.21 -11.44 -2.34
CA LEU B 73 -8.98 -10.61 -2.35
C LEU B 73 -8.88 -9.86 -3.69
N HIS B 74 -8.38 -8.62 -3.67
CA HIS B 74 -8.30 -7.80 -4.90
C HIS B 74 -6.84 -7.70 -5.36
N ASN B 75 -6.60 -7.92 -6.66
CA ASN B 75 -5.21 -7.87 -7.19
C ASN B 75 -4.51 -6.66 -6.60
N HIS B 76 -5.22 -5.54 -6.49
CA HIS B 76 -4.61 -4.29 -5.98
C HIS B 76 -3.95 -4.54 -4.62
N PHE B 77 -4.42 -5.54 -3.89
CA PHE B 77 -3.91 -5.78 -2.51
C PHE B 77 -2.50 -6.34 -2.67
N TYR B 78 -2.07 -6.65 -3.90
CA TYR B 78 -0.75 -7.30 -4.04
C TYR B 78 0.27 -6.34 -4.69
N GLU B 79 -0.07 -5.06 -4.76
CA GLU B 79 0.79 -4.08 -5.47
C GLU B 79 2.26 -4.20 -5.05
N HIS B 80 2.57 -4.08 -3.76
CA HIS B 80 4.00 -4.06 -3.38
C HIS B 80 4.73 -5.22 -4.05
N LEU B 81 4.27 -6.46 -3.83
CA LEU B 81 5.02 -7.63 -4.34
C LEU B 81 5.26 -7.46 -5.84
N LEU B 82 4.19 -7.24 -6.59
CA LEU B 82 4.32 -7.03 -8.06
C LEU B 82 5.40 -5.98 -8.33
N ARG B 83 5.24 -4.77 -7.80
CA ARG B 83 6.19 -3.67 -8.13
C ARG B 83 7.62 -4.18 -7.95
N HIS B 84 7.95 -4.67 -6.76
CA HIS B 84 9.35 -5.12 -6.51
C HIS B 84 9.70 -6.15 -7.57
N VAL B 85 8.91 -7.21 -7.67
CA VAL B 85 9.25 -8.30 -8.63
C VAL B 85 9.71 -7.65 -9.93
N ALA B 86 8.82 -6.87 -10.55
CA ALA B 86 9.17 -6.28 -11.86
C ALA B 86 10.37 -5.34 -11.68
N SER B 87 10.40 -4.60 -10.59
CA SER B 87 11.49 -3.60 -10.43
C SER B 87 12.81 -4.31 -10.70
N HIS B 88 12.87 -5.60 -10.38
CA HIS B 88 14.12 -6.37 -10.57
C HIS B 88 14.17 -6.89 -12.01
N GLY B 89 13.15 -6.55 -12.80
CA GLY B 89 13.12 -7.00 -14.21
C GLY B 89 12.14 -8.13 -14.42
N PHE B 90 10.85 -7.80 -14.54
CA PHE B 90 9.82 -8.83 -14.82
C PHE B 90 8.51 -8.17 -15.24
N ILE B 91 7.73 -8.85 -16.06
CA ILE B 91 6.38 -8.35 -16.50
C ILE B 91 5.33 -9.21 -15.80
N ILE B 92 4.54 -8.64 -14.91
CA ILE B 92 3.57 -9.46 -14.12
C ILE B 92 2.14 -9.03 -14.45
N VAL B 93 1.26 -9.99 -14.71
CA VAL B 93 -0.16 -9.69 -15.05
C VAL B 93 -1.05 -10.51 -14.11
N ALA B 94 -1.79 -9.85 -13.22
CA ALA B 94 -2.63 -10.57 -12.26
C ALA B 94 -4.10 -10.22 -12.51
N PRO B 95 -4.93 -11.18 -12.94
CA PRO B 95 -6.33 -10.91 -13.23
C PRO B 95 -7.16 -10.79 -11.95
N GLN B 96 -8.22 -9.98 -11.97
CA GLN B 96 -9.12 -9.89 -10.79
C GLN B 96 -10.35 -10.77 -11.05
N PHE B 97 -10.26 -12.05 -10.75
CA PHE B 97 -11.37 -13.00 -11.03
C PHE B 97 -12.65 -12.50 -10.34
N SER B 98 -13.81 -12.96 -10.80
CA SER B 98 -15.10 -12.52 -10.23
C SER B 98 -15.25 -13.20 -8.86
N ILE B 99 -16.31 -12.84 -8.12
CA ILE B 99 -16.58 -13.52 -6.82
C ILE B 99 -16.74 -15.01 -7.12
N SER B 100 -17.00 -15.35 -8.38
CA SER B 100 -17.14 -16.77 -8.78
C SER B 100 -18.23 -17.42 -7.91
N ILE B 101 -19.30 -16.68 -7.63
CA ILE B 101 -20.37 -17.21 -6.73
C ILE B 101 -21.00 -18.45 -7.37
N ILE B 102 -21.54 -18.32 -8.59
CA ILE B 102 -22.25 -19.47 -9.22
C ILE B 102 -21.26 -20.62 -9.46
N PRO B 103 -20.12 -20.40 -10.15
CA PRO B 103 -19.21 -21.50 -10.46
C PRO B 103 -18.85 -22.29 -9.21
N SER B 104 -19.05 -23.62 -9.25
CA SER B 104 -18.66 -24.47 -8.10
C SER B 104 -17.14 -24.58 -8.06
N GLY B 105 -16.57 -24.90 -6.89
CA GLY B 105 -15.11 -25.08 -6.79
C GLY B 105 -14.36 -23.90 -7.38
N ASP B 106 -13.43 -24.16 -8.30
CA ASP B 106 -12.58 -23.07 -8.87
C ASP B 106 -12.58 -23.18 -10.39
N ALA B 107 -13.32 -24.13 -10.95
CA ALA B 107 -13.29 -24.35 -12.41
C ALA B 107 -13.31 -23.01 -13.13
N GLU B 108 -14.26 -22.14 -12.77
CA GLU B 108 -14.39 -20.84 -13.47
C GLU B 108 -13.04 -20.13 -13.44
N ASP B 109 -12.44 -20.04 -12.24
CA ASP B 109 -11.16 -19.29 -12.12
C ASP B 109 -10.13 -19.97 -13.03
N ILE B 110 -10.10 -21.30 -13.03
CA ILE B 110 -9.11 -22.04 -13.86
C ILE B 110 -9.25 -21.57 -15.31
N ALA B 111 -10.46 -21.63 -15.84
CA ALA B 111 -10.68 -21.26 -17.25
C ALA B 111 -10.35 -19.78 -17.45
N ALA B 112 -10.81 -18.92 -16.55
CA ALA B 112 -10.59 -17.47 -16.74
C ALA B 112 -9.10 -17.22 -16.97
N ALA B 113 -8.25 -17.81 -16.13
CA ALA B 113 -6.79 -17.60 -16.28
C ALA B 113 -6.38 -18.08 -17.67
N ALA B 114 -6.84 -19.27 -18.05
CA ALA B 114 -6.50 -19.81 -19.38
C ALA B 114 -6.84 -18.76 -20.43
N LYS B 115 -8.03 -18.17 -20.32
CA LYS B 115 -8.47 -17.16 -21.32
C LYS B 115 -7.45 -16.03 -21.30
N VAL B 116 -7.12 -15.54 -20.10
CA VAL B 116 -6.14 -14.43 -19.99
C VAL B 116 -4.85 -14.88 -20.68
N ALA B 117 -4.39 -16.08 -20.37
CA ALA B 117 -3.13 -16.58 -20.95
C ALA B 117 -3.24 -16.52 -22.48
N ASP B 118 -4.35 -17.02 -23.01
CA ASP B 118 -4.51 -17.06 -24.49
C ASP B 118 -4.84 -15.64 -24.98
N TRP B 119 -5.03 -14.70 -24.04
CA TRP B 119 -5.28 -13.29 -24.44
C TRP B 119 -3.97 -12.49 -24.43
N LEU B 120 -3.00 -12.95 -23.64
CA LEU B 120 -1.72 -12.20 -23.52
C LEU B 120 -1.10 -11.99 -24.90
N PRO B 121 -0.95 -13.02 -25.75
CA PRO B 121 -0.25 -12.88 -27.03
C PRO B 121 -0.64 -11.64 -27.85
N ASP B 122 -1.94 -11.35 -27.95
CA ASP B 122 -2.38 -10.22 -28.83
C ASP B 122 -2.71 -9.00 -27.97
N GLY B 123 -2.81 -9.14 -26.65
CA GLY B 123 -3.23 -7.98 -25.83
C GLY B 123 -2.09 -7.37 -25.05
N LEU B 124 -1.21 -8.22 -24.50
CA LEU B 124 -0.10 -7.70 -23.67
C LEU B 124 0.73 -6.72 -24.50
N PRO B 125 1.14 -7.07 -25.74
CA PRO B 125 1.99 -6.18 -26.51
C PRO B 125 1.28 -4.84 -26.70
N SER B 126 -0.01 -4.89 -27.00
CA SER B 126 -0.80 -3.65 -27.23
C SER B 126 -0.77 -2.77 -25.97
N VAL B 127 -1.06 -3.34 -24.81
CA VAL B 127 -1.15 -2.46 -23.59
C VAL B 127 0.24 -2.15 -23.05
N LEU B 128 1.21 -3.05 -23.25
CA LEU B 128 2.58 -2.90 -22.71
C LEU B 128 3.10 -1.48 -22.98
N PRO B 129 3.82 -0.86 -22.03
CA PRO B 129 4.32 0.50 -22.21
C PRO B 129 5.29 0.57 -23.40
N LYS B 130 5.55 1.77 -23.90
CA LYS B 130 6.43 1.94 -25.08
C LYS B 130 7.78 1.28 -24.81
N GLY B 131 8.34 0.57 -25.80
CA GLY B 131 9.68 -0.02 -25.65
C GLY B 131 9.63 -1.36 -24.95
N VAL B 132 8.47 -1.74 -24.40
CA VAL B 132 8.39 -3.00 -23.63
C VAL B 132 7.82 -4.09 -24.55
N GLU B 133 8.57 -5.18 -24.73
CA GLU B 133 8.09 -6.29 -25.59
C GLU B 133 7.98 -7.56 -24.74
N PRO B 134 6.87 -8.32 -24.82
CA PRO B 134 6.68 -9.48 -23.96
C PRO B 134 7.23 -10.77 -24.59
N GLU B 135 8.36 -11.27 -24.08
CA GLU B 135 8.89 -12.57 -24.59
C GLU B 135 7.97 -13.66 -24.05
N LEU B 136 6.71 -13.65 -24.47
CA LEU B 136 5.71 -14.62 -23.93
C LEU B 136 6.31 -16.02 -23.94
N SER B 137 7.18 -16.32 -24.90
CA SER B 137 7.84 -17.64 -24.93
C SER B 137 8.23 -18.01 -23.49
N LYS B 138 8.66 -17.02 -22.70
CA LYS B 138 8.98 -17.28 -21.28
C LYS B 138 7.79 -16.85 -20.42
N LEU B 139 7.04 -17.81 -19.86
CA LEU B 139 5.84 -17.46 -19.06
C LEU B 139 5.77 -18.35 -17.82
N ALA B 140 5.34 -17.77 -16.69
CA ALA B 140 5.28 -18.55 -15.43
C ALA B 140 3.96 -18.25 -14.73
N LEU B 141 3.46 -19.20 -13.92
CA LEU B 141 2.15 -19.02 -13.24
C LEU B 141 2.34 -19.09 -11.73
N ALA B 142 1.62 -18.25 -10.98
CA ALA B 142 1.73 -18.25 -9.50
C ALA B 142 0.38 -17.87 -8.89
N GLY B 143 0.11 -18.32 -7.67
CA GLY B 143 -1.19 -18.03 -7.03
C GLY B 143 -1.09 -17.94 -5.52
N HIS B 144 -1.98 -17.14 -4.90
CA HIS B 144 -2.00 -17.03 -3.42
C HIS B 144 -3.19 -17.83 -2.88
N SER B 145 -2.98 -18.61 -1.82
CA SER B 145 -4.11 -19.35 -1.21
C SER B 145 -4.87 -20.07 -2.33
N ARG B 146 -6.20 -19.94 -2.33
CA ARG B 146 -7.01 -20.55 -3.42
C ARG B 146 -6.33 -20.26 -4.76
N GLY B 147 -5.95 -19.01 -4.97
CA GLY B 147 -5.34 -18.64 -6.26
C GLY B 147 -4.29 -19.67 -6.60
N GLY B 148 -3.50 -20.07 -5.61
CA GLY B 148 -2.46 -21.09 -5.84
C GLY B 148 -3.09 -22.39 -6.29
N HIS B 149 -4.17 -22.81 -5.66
CA HIS B 149 -4.86 -24.03 -6.15
C HIS B 149 -5.18 -23.82 -7.62
N THR B 150 -5.94 -22.77 -7.92
CA THR B 150 -6.37 -22.58 -9.32
C THR B 150 -5.15 -22.76 -10.21
N ALA B 151 -4.04 -22.09 -9.88
CA ALA B 151 -2.85 -22.15 -10.75
C ALA B 151 -2.38 -23.59 -10.92
N PHE B 152 -2.00 -24.24 -9.82
CA PHE B 152 -1.45 -25.62 -9.95
C PHE B 152 -2.42 -26.43 -10.81
N SER B 153 -3.72 -26.26 -10.55
CA SER B 153 -4.72 -26.94 -11.41
C SER B 153 -4.36 -26.67 -12.85
N LEU B 154 -4.36 -25.40 -13.25
CA LEU B 154 -4.10 -25.11 -14.68
C LEU B 154 -2.77 -25.78 -15.06
N ALA B 155 -1.78 -25.68 -14.18
CA ALA B 155 -0.46 -26.29 -14.46
C ALA B 155 -0.65 -27.80 -14.64
N LEU B 156 -1.48 -28.41 -13.81
CA LEU B 156 -1.74 -29.87 -13.91
C LEU B 156 -2.43 -30.15 -15.25
N GLY B 157 -2.68 -29.10 -16.03
CA GLY B 157 -3.26 -29.30 -17.37
C GLY B 157 -4.69 -29.80 -17.38
N HIS B 158 -5.39 -29.66 -16.24
CA HIS B 158 -6.83 -30.04 -16.21
C HIS B 158 -7.59 -29.18 -17.22
N ALA B 159 -7.21 -27.89 -17.35
CA ALA B 159 -7.81 -27.01 -18.36
C ALA B 159 -6.83 -26.95 -19.54
N LYS B 160 -6.97 -25.97 -20.43
CA LYS B 160 -6.09 -25.95 -21.63
C LYS B 160 -5.66 -24.51 -21.94
N THR B 161 -4.40 -24.32 -22.34
CA THR B 161 -3.87 -22.96 -22.61
C THR B 161 -3.06 -22.97 -23.92
N GLN B 162 -3.28 -21.98 -24.78
CA GLN B 162 -2.56 -21.92 -26.09
C GLN B 162 -1.06 -21.84 -25.81
N LEU B 163 -0.66 -21.07 -24.79
CA LEU B 163 0.79 -20.89 -24.51
C LEU B 163 1.30 -22.08 -23.70
N THR B 164 2.57 -22.04 -23.30
CA THR B 164 3.17 -23.14 -22.49
C THR B 164 3.94 -22.53 -21.32
N PHE B 165 3.60 -22.90 -20.08
CA PHE B 165 4.28 -22.35 -18.89
C PHE B 165 5.68 -22.95 -18.75
N SER B 166 6.51 -22.35 -17.90
CA SER B 166 7.89 -22.87 -17.70
C SER B 166 8.30 -22.71 -16.23
N ALA B 167 7.37 -22.30 -15.37
CA ALA B 167 7.67 -22.14 -13.92
C ALA B 167 6.38 -21.99 -13.12
N LEU B 168 6.37 -22.45 -11.87
CA LEU B 168 5.16 -22.35 -11.01
C LEU B 168 5.54 -21.92 -9.60
N ILE B 169 4.99 -20.79 -9.13
CA ILE B 169 5.30 -20.28 -7.78
C ILE B 169 4.04 -20.36 -6.92
N GLY B 170 4.12 -21.02 -5.78
CA GLY B 170 2.94 -21.18 -4.90
C GLY B 170 2.99 -20.24 -3.72
N LEU B 171 2.17 -19.19 -3.74
CA LEU B 171 2.11 -18.26 -2.57
C LEU B 171 1.26 -18.93 -1.50
N ASP B 172 1.91 -19.55 -0.51
CA ASP B 172 1.17 -20.26 0.57
C ASP B 172 -0.18 -20.72 0.01
N PRO B 173 -0.20 -21.73 -0.89
CA PRO B 173 -1.46 -22.18 -1.49
C PRO B 173 -2.30 -23.01 -0.52
N VAL B 174 -3.62 -22.95 -0.72
CA VAL B 174 -4.55 -23.76 0.13
C VAL B 174 -5.42 -24.60 -0.81
N ALA B 175 -6.02 -25.68 -0.30
CA ALA B 175 -6.79 -26.59 -1.18
C ALA B 175 -8.27 -26.61 -0.77
N GLY B 176 -8.55 -26.46 0.53
CA GLY B 176 -9.94 -26.52 1.01
C GLY B 176 -10.02 -26.58 2.52
N THR B 177 -11.23 -26.80 3.06
CA THR B 177 -11.42 -26.89 4.53
C THR B 177 -10.58 -28.04 5.07
N GLY B 178 -10.59 -29.18 4.37
CA GLY B 178 -9.84 -30.36 4.83
C GLY B 178 -9.78 -31.43 3.76
N LYS B 179 -9.14 -32.56 4.06
CA LYS B 179 -8.97 -33.63 3.04
C LYS B 179 -10.35 -34.03 2.50
N SER B 180 -11.32 -34.25 3.40
CA SER B 180 -12.65 -34.72 2.95
C SER B 180 -13.36 -33.62 2.16
N SER B 181 -12.83 -32.39 2.20
CA SER B 181 -13.53 -31.27 1.51
C SER B 181 -12.50 -30.32 0.89
N GLN B 182 -12.20 -30.53 -0.39
CA GLN B 182 -11.23 -29.64 -1.10
C GLN B 182 -11.95 -28.94 -2.26
N LEU B 183 -11.40 -27.83 -2.74
CA LEU B 183 -12.00 -27.11 -3.89
C LEU B 183 -11.94 -28.01 -5.12
N GLN B 184 -12.74 -27.71 -6.15
CA GLN B 184 -12.75 -28.52 -7.38
C GLN B 184 -11.48 -28.25 -8.20
N PRO B 185 -10.76 -29.29 -8.67
CA PRO B 185 -10.80 -30.61 -8.05
C PRO B 185 -9.74 -30.73 -6.94
N LYS B 186 -9.84 -31.79 -6.13
CA LYS B 186 -8.84 -32.00 -5.05
C LYS B 186 -7.54 -32.48 -5.71
N ILE B 187 -6.84 -31.57 -6.37
CA ILE B 187 -5.59 -31.95 -7.11
C ILE B 187 -4.70 -32.79 -6.18
N LEU B 188 -4.73 -32.50 -4.88
CA LEU B 188 -3.84 -33.22 -3.93
C LEU B 188 -4.11 -34.73 -4.03
N THR B 189 -3.03 -35.53 -3.99
CA THR B 189 -3.18 -37.01 -4.07
C THR B 189 -2.64 -37.63 -2.78
N TYR B 190 -1.90 -36.85 -2.01
CA TYR B 190 -1.32 -37.34 -0.73
C TYR B 190 -0.25 -38.39 -1.05
N GLU B 191 0.20 -38.44 -2.31
CA GLU B 191 1.30 -39.35 -2.70
C GLU B 191 2.54 -38.49 -2.96
N PRO B 192 3.64 -38.66 -2.20
CA PRO B 192 4.81 -37.80 -2.36
C PRO B 192 5.26 -37.70 -3.81
N SER B 193 5.72 -36.52 -4.25
CA SER B 193 6.24 -36.36 -5.62
C SER B 193 5.24 -36.98 -6.61
N SER B 194 4.03 -36.44 -6.68
CA SER B 194 2.98 -37.01 -7.56
C SER B 194 2.60 -36.01 -8.66
N PHE B 195 3.15 -34.80 -8.62
CA PHE B 195 2.73 -33.76 -9.60
C PHE B 195 3.48 -33.97 -10.92
N GLY B 196 2.78 -34.48 -11.93
CA GLY B 196 3.41 -34.68 -13.26
C GLY B 196 3.51 -33.36 -14.01
N MET B 197 4.27 -32.41 -13.47
CA MET B 197 4.43 -31.10 -14.14
C MET B 197 5.90 -30.94 -14.55
N ALA B 198 6.16 -30.25 -15.66
CA ALA B 198 7.55 -30.03 -16.12
C ALA B 198 8.09 -28.74 -15.50
N MET B 199 7.27 -27.69 -15.46
CA MET B 199 7.75 -26.39 -14.94
C MET B 199 8.32 -26.58 -13.54
N PRO B 200 9.58 -26.16 -13.26
CA PRO B 200 10.11 -26.24 -11.90
C PRO B 200 9.12 -25.45 -11.05
N VAL B 201 8.91 -25.85 -9.80
CA VAL B 201 7.86 -25.17 -8.98
C VAL B 201 8.47 -24.64 -7.68
N LEU B 202 8.00 -23.50 -7.20
CA LEU B 202 8.46 -22.95 -5.90
C LEU B 202 7.24 -22.79 -5.00
N VAL B 203 7.40 -23.08 -3.70
CA VAL B 203 6.25 -22.96 -2.75
C VAL B 203 6.72 -22.18 -1.53
N ILE B 204 6.26 -20.92 -1.40
CA ILE B 204 6.62 -20.09 -0.21
C ILE B 204 5.54 -20.33 0.84
N GLY B 205 5.93 -20.48 2.11
CA GLY B 205 4.94 -20.82 3.15
C GLY B 205 4.93 -19.85 4.31
N THR B 206 3.75 -19.53 4.83
CA THR B 206 3.65 -18.67 6.04
C THR B 206 3.57 -19.59 7.25
N GLY B 207 4.57 -19.54 8.12
CA GLY B 207 4.60 -20.49 9.26
C GLY B 207 3.34 -20.42 10.10
N LEU B 208 2.82 -19.21 10.35
CA LEU B 208 1.66 -19.07 11.27
C LEU B 208 0.37 -19.41 10.52
N GLY B 209 0.46 -19.65 9.21
CA GLY B 209 -0.73 -20.01 8.42
C GLY B 209 -1.56 -21.05 9.17
N GLU B 210 -0.92 -22.09 9.71
CA GLU B 210 -1.63 -23.12 10.50
C GLU B 210 -2.20 -22.48 11.77
N GLU B 211 -1.40 -21.69 12.48
CA GLU B 211 -1.88 -21.15 13.78
C GLU B 211 -3.21 -20.43 13.55
N LYS B 212 -4.21 -20.69 14.39
CA LYS B 212 -5.54 -20.03 14.24
C LYS B 212 -5.58 -18.75 15.09
N LYS B 213 -6.57 -17.89 14.86
CA LYS B 213 -6.63 -16.60 15.60
C LYS B 213 -8.10 -16.15 15.73
N ASN B 214 -8.43 -15.50 16.85
CA ASN B 214 -9.81 -14.97 17.06
C ASN B 214 -10.79 -16.12 17.28
N ILE B 215 -10.34 -17.37 17.13
CA ILE B 215 -11.21 -18.55 17.43
C ILE B 215 -12.33 -18.64 16.40
N PHE B 216 -13.29 -17.71 16.44
CA PHE B 216 -14.44 -17.81 15.52
C PHE B 216 -13.91 -18.09 14.12
N PHE B 217 -12.82 -17.41 13.74
CA PHE B 217 -12.24 -17.59 12.38
C PHE B 217 -11.38 -18.85 12.35
N PRO B 218 -11.66 -19.82 11.44
CA PRO B 218 -10.91 -21.07 11.41
C PRO B 218 -9.52 -20.80 10.82
N PRO B 219 -8.60 -21.79 10.83
CA PRO B 219 -7.28 -21.61 10.23
C PRO B 219 -7.42 -21.25 8.75
N CYS B 220 -6.77 -20.17 8.31
CA CYS B 220 -6.79 -19.79 6.88
C CYS B 220 -6.05 -20.85 6.07
N ALA B 221 -4.99 -21.43 6.65
CA ALA B 221 -4.18 -22.44 5.94
C ALA B 221 -4.41 -23.80 6.59
N PRO B 222 -5.57 -24.46 6.39
CA PRO B 222 -5.81 -25.73 7.05
C PRO B 222 -4.67 -26.68 6.71
N LYS B 223 -4.25 -27.50 7.68
CA LYS B 223 -3.21 -28.51 7.38
C LYS B 223 -3.82 -29.49 6.37
N ASP B 224 -3.04 -30.46 5.91
CA ASP B 224 -3.55 -31.40 4.88
C ASP B 224 -3.69 -30.63 3.57
N VAL B 225 -4.40 -29.52 3.59
CA VAL B 225 -4.48 -28.66 2.37
C VAL B 225 -3.38 -27.61 2.50
N ASN B 226 -2.57 -27.71 3.55
CA ASN B 226 -1.51 -26.70 3.79
C ASN B 226 -0.47 -26.70 2.68
N HIS B 227 0.17 -25.55 2.44
CA HIS B 227 1.24 -25.51 1.41
C HIS B 227 2.15 -26.72 1.57
N ALA B 228 2.28 -27.24 2.78
CA ALA B 228 3.24 -28.33 3.03
C ALA B 228 2.91 -29.53 2.15
N GLU B 229 1.64 -29.94 2.12
CA GLU B 229 1.30 -31.16 1.34
C GLU B 229 1.62 -30.87 -0.12
N PHE B 230 1.39 -29.64 -0.56
CA PHE B 230 1.66 -29.26 -1.97
C PHE B 230 3.15 -29.46 -2.26
N TYR B 231 4.00 -28.87 -1.41
CA TYR B 231 5.45 -28.97 -1.69
C TYR B 231 5.83 -30.44 -1.69
N ARG B 232 5.20 -31.22 -0.81
CA ARG B 232 5.54 -32.66 -0.72
C ARG B 232 5.21 -33.34 -2.06
N GLU B 233 3.97 -33.17 -2.53
CA GLU B 233 3.53 -33.84 -3.77
C GLU B 233 4.34 -33.31 -4.96
N CYS B 234 5.22 -32.34 -4.72
CA CYS B 234 5.98 -31.74 -5.85
C CYS B 234 7.01 -32.76 -6.36
N ARG B 235 7.40 -32.64 -7.63
CA ARG B 235 8.39 -33.57 -8.24
C ARG B 235 9.69 -32.80 -8.50
N PRO B 236 10.84 -33.22 -7.98
CA PRO B 236 12.09 -32.54 -8.29
C PRO B 236 12.13 -32.30 -9.81
N PRO B 237 12.39 -31.06 -10.27
CA PRO B 237 12.82 -29.98 -9.39
C PRO B 237 11.63 -29.36 -8.65
N CYS B 238 11.84 -29.00 -7.38
CA CYS B 238 10.77 -28.36 -6.57
C CYS B 238 11.41 -27.66 -5.38
N TYR B 239 11.25 -26.35 -5.27
CA TYR B 239 11.92 -25.58 -4.19
C TYR B 239 10.91 -25.23 -3.10
N TYR B 240 11.37 -25.09 -1.85
CA TYR B 240 10.43 -24.82 -0.73
C TYR B 240 11.06 -23.89 0.30
N LEU B 241 10.36 -22.80 0.63
CA LEU B 241 10.84 -21.85 1.68
C LEU B 241 9.64 -21.43 2.52
N VAL B 242 9.85 -21.17 3.82
CA VAL B 242 8.69 -20.85 4.70
C VAL B 242 8.98 -19.59 5.52
N THR B 243 8.08 -18.61 5.47
CA THR B 243 8.23 -17.39 6.29
C THR B 243 7.73 -17.75 7.69
N LYS B 244 8.65 -18.18 8.57
CA LYS B 244 8.23 -18.66 9.91
C LYS B 244 7.44 -17.58 10.66
N ASP B 245 8.02 -16.41 10.84
CA ASP B 245 7.35 -15.37 11.68
C ASP B 245 6.41 -14.50 10.83
N TYR B 246 5.48 -15.09 10.09
CA TYR B 246 4.51 -14.23 9.36
C TYR B 246 3.24 -15.00 9.04
N GLY B 247 2.18 -14.28 8.62
CA GLY B 247 0.88 -14.93 8.39
C GLY B 247 0.45 -15.13 6.95
N HIS B 248 -0.61 -15.91 6.73
CA HIS B 248 -1.08 -16.21 5.36
C HIS B 248 -1.31 -14.92 4.56
N LEU B 249 -1.79 -13.87 5.21
CA LEU B 249 -2.10 -12.62 4.46
C LEU B 249 -1.16 -11.46 4.82
N ASP B 250 -0.11 -11.72 5.60
CA ASP B 250 0.87 -10.65 5.90
C ASP B 250 1.55 -10.05 4.65
N MET B 251 1.75 -10.88 3.62
CA MET B 251 2.38 -10.39 2.37
C MET B 251 1.50 -9.34 1.64
N LEU B 252 0.19 -9.41 1.88
CA LEU B 252 -0.75 -8.49 1.20
C LEU B 252 -0.19 -7.10 1.48
N ASP B 253 -0.56 -6.12 0.65
CA ASP B 253 -0.08 -4.73 0.84
C ASP B 253 -0.56 -4.23 2.20
N ASP B 254 0.13 -3.23 2.77
CA ASP B 254 -0.23 -2.69 4.10
C ASP B 254 -1.64 -2.07 4.05
N ASP B 255 -1.97 -1.37 2.97
CA ASP B 255 -3.29 -0.69 2.86
C ASP B 255 -4.40 -1.75 2.85
N ALA B 256 -4.03 -3.02 2.72
CA ALA B 256 -5.03 -4.12 2.68
C ALA B 256 -6.22 -3.80 3.58
N PRO B 257 -7.47 -3.83 3.06
CA PRO B 257 -8.65 -3.61 3.87
C PRO B 257 -8.54 -4.52 5.09
N LYS B 258 -8.44 -3.95 6.29
CA LYS B 258 -8.26 -4.76 7.53
C LYS B 258 -9.44 -5.71 7.71
N PHE B 259 -10.65 -5.27 7.35
CA PHE B 259 -11.87 -6.10 7.51
C PHE B 259 -11.82 -7.28 6.54
N ILE B 260 -10.73 -7.38 5.75
CA ILE B 260 -10.61 -8.47 4.75
C ILE B 260 -9.35 -9.28 5.05
N THR B 261 -8.50 -8.81 5.98
CA THR B 261 -7.22 -9.51 6.25
C THR B 261 -7.17 -10.02 7.69
N CYS B 262 -7.75 -9.29 8.63
CA CYS B 262 -7.65 -9.67 10.07
C CYS B 262 -8.02 -11.14 10.27
N VAL B 263 -8.74 -11.73 9.31
CA VAL B 263 -9.22 -13.14 9.50
C VAL B 263 -8.03 -14.03 9.82
N CYS B 264 -6.97 -13.97 9.02
CA CYS B 264 -5.81 -14.89 9.21
C CYS B 264 -4.93 -14.39 10.35
N LYS B 265 -4.16 -15.29 10.95
CA LYS B 265 -3.21 -14.88 12.01
C LYS B 265 -2.30 -13.80 11.42
N ASP B 266 -1.75 -12.93 12.26
CA ASP B 266 -0.94 -11.82 11.72
C ASP B 266 0.39 -11.75 12.46
N GLY B 267 1.48 -12.08 11.77
CA GLY B 267 2.80 -12.10 12.42
C GLY B 267 3.10 -10.81 13.16
N ASN B 268 3.98 -10.86 14.17
CA ASN B 268 4.37 -9.64 14.91
C ASN B 268 5.65 -9.09 14.28
N GLY B 269 5.57 -8.58 13.04
CA GLY B 269 6.77 -8.09 12.34
C GLY B 269 6.42 -7.23 11.13
N CYS B 270 7.40 -6.51 10.60
CA CYS B 270 7.14 -5.58 9.47
C CYS B 270 6.62 -6.31 8.23
N LYS B 271 5.31 -6.19 7.98
CA LYS B 271 4.69 -6.81 6.78
C LYS B 271 5.52 -6.43 5.56
N GLY B 272 6.05 -5.20 5.54
CA GLY B 272 6.90 -4.77 4.42
C GLY B 272 8.09 -5.69 4.28
N LYS B 273 8.69 -6.10 5.41
CA LYS B 273 9.88 -6.99 5.37
C LYS B 273 9.57 -8.25 4.57
N MET B 274 8.64 -9.09 5.06
CA MET B 274 8.35 -10.37 4.36
C MET B 274 7.98 -10.06 2.92
N ARG B 275 7.18 -9.02 2.69
CA ARG B 275 6.82 -8.62 1.30
C ARG B 275 8.12 -8.54 0.47
N ARG B 276 9.15 -7.90 1.01
CA ARG B 276 10.44 -7.82 0.29
C ARG B 276 11.02 -9.23 0.21
N CYS B 277 10.90 -10.00 1.29
CA CYS B 277 11.52 -11.35 1.31
C CYS B 277 10.84 -12.21 0.23
N VAL B 278 9.52 -12.16 0.18
CA VAL B 278 8.78 -12.97 -0.83
C VAL B 278 9.25 -12.52 -2.21
N ALA B 279 9.34 -11.20 -2.41
CA ALA B 279 9.76 -10.67 -3.72
C ALA B 279 11.10 -11.30 -4.10
N GLY B 280 12.07 -11.24 -3.20
CA GLY B 280 13.41 -11.78 -3.51
C GLY B 280 13.31 -13.25 -3.85
N ILE B 281 12.65 -14.01 -2.99
CA ILE B 281 12.58 -15.48 -3.23
C ILE B 281 12.07 -15.67 -4.67
N MET B 282 10.99 -14.97 -5.00
CA MET B 282 10.38 -15.14 -6.34
C MET B 282 11.41 -14.82 -7.42
N VAL B 283 11.89 -13.57 -7.43
CA VAL B 283 12.81 -13.16 -8.53
C VAL B 283 13.89 -14.23 -8.65
N ALA B 284 14.44 -14.71 -7.54
CA ALA B 284 15.54 -15.67 -7.70
C ALA B 284 14.99 -16.88 -8.46
N PHE B 285 13.84 -17.39 -8.04
CA PHE B 285 13.31 -18.61 -8.70
C PHE B 285 13.12 -18.32 -10.18
N LEU B 286 12.40 -17.25 -10.49
CA LEU B 286 12.11 -16.93 -11.92
C LEU B 286 13.43 -16.73 -12.65
N ASN B 287 14.29 -15.87 -12.09
CA ASN B 287 15.62 -15.68 -12.72
C ASN B 287 16.20 -17.06 -13.01
N ALA B 288 15.96 -18.00 -12.10
CA ALA B 288 16.62 -19.31 -12.33
C ALA B 288 15.75 -20.18 -13.25
N ALA B 289 14.59 -19.65 -13.66
CA ALA B 289 13.74 -20.40 -14.62
C ALA B 289 13.57 -19.59 -15.89
N LEU B 290 12.61 -18.67 -15.91
CA LEU B 290 12.42 -17.80 -17.09
C LEU B 290 13.78 -17.18 -17.43
N GLY B 291 14.53 -16.77 -16.41
CA GLY B 291 15.83 -16.13 -16.64
C GLY B 291 16.92 -17.16 -16.85
N GLU B 292 18.17 -16.76 -16.63
CA GLU B 292 19.31 -17.70 -16.86
C GLU B 292 20.13 -17.82 -15.57
N LYS B 293 20.12 -16.77 -14.74
CA LYS B 293 20.94 -16.77 -13.50
C LYS B 293 20.34 -17.78 -12.51
N ASP B 294 21.14 -18.75 -12.06
CA ASP B 294 20.66 -19.78 -11.09
C ASP B 294 21.47 -19.65 -9.81
N ALA B 295 21.90 -18.44 -9.47
CA ALA B 295 22.82 -18.29 -8.31
C ALA B 295 22.13 -17.60 -7.12
N ASP B 296 21.26 -16.63 -7.36
CA ASP B 296 20.68 -15.91 -6.20
C ASP B 296 19.90 -16.91 -5.34
N LEU B 297 19.04 -17.70 -5.97
CA LEU B 297 18.22 -18.69 -5.22
C LEU B 297 19.18 -19.60 -4.44
N GLU B 298 20.26 -20.03 -5.09
CA GLU B 298 21.22 -20.94 -4.43
C GLU B 298 21.76 -20.26 -3.17
N ALA B 299 22.38 -19.10 -3.32
CA ALA B 299 22.96 -18.40 -2.16
C ALA B 299 21.90 -18.35 -1.05
N ILE B 300 20.68 -17.99 -1.42
CA ILE B 300 19.60 -18.02 -0.40
C ILE B 300 19.59 -19.42 0.22
N LEU B 301 19.44 -20.45 -0.62
CA LEU B 301 19.34 -21.84 -0.11
C LEU B 301 20.52 -22.11 0.85
N ARG B 302 21.72 -21.68 0.46
CA ARG B 302 22.92 -21.95 1.29
C ARG B 302 22.83 -21.13 2.59
N ASP B 303 22.52 -19.84 2.48
CA ASP B 303 22.49 -18.96 3.68
C ASP B 303 21.17 -18.20 3.72
N PRO B 304 20.06 -18.80 4.18
CA PRO B 304 18.77 -18.12 4.20
C PRO B 304 18.82 -16.86 5.07
N ALA B 305 19.85 -16.72 5.91
CA ALA B 305 19.92 -15.57 6.83
C ALA B 305 19.83 -14.28 6.01
N VAL B 306 20.34 -14.31 4.77
CA VAL B 306 20.29 -13.10 3.91
C VAL B 306 18.86 -12.57 3.90
N ALA B 307 17.88 -13.46 4.01
CA ALA B 307 16.46 -13.04 3.95
C ALA B 307 16.17 -12.03 5.06
N PRO B 308 15.25 -11.08 4.85
CA PRO B 308 14.87 -10.14 5.89
C PRO B 308 14.24 -10.90 7.06
N THR B 309 13.38 -11.87 6.74
CA THR B 309 12.66 -12.61 7.81
C THR B 309 13.41 -13.89 8.16
N THR B 310 12.75 -14.79 8.91
CA THR B 310 13.37 -16.09 9.25
C THR B 310 12.75 -17.18 8.38
N LEU B 311 13.50 -17.64 7.37
CA LEU B 311 12.98 -18.68 6.46
C LEU B 311 13.27 -20.06 7.06
N ASP B 312 12.25 -20.75 7.56
CA ASP B 312 12.48 -22.06 8.23
C ASP B 312 11.15 -22.81 8.36
N PRO B 313 10.99 -23.98 7.71
CA PRO B 313 12.10 -24.68 7.12
C PRO B 313 12.35 -24.22 5.67
N VAL B 314 13.46 -24.68 5.09
CA VAL B 314 13.77 -24.39 3.65
C VAL B 314 14.56 -25.57 3.10
N GLU B 315 13.97 -26.35 2.20
CA GLU B 315 14.63 -27.56 1.65
C GLU B 315 14.51 -27.59 0.13
N HIS B 316 15.40 -28.32 -0.55
CA HIS B 316 15.38 -28.37 -2.03
C HIS B 316 15.42 -29.82 -2.52
N ARG B 317 14.70 -30.13 -3.61
CA ARG B 317 14.66 -31.51 -4.16
C ARG B 317 14.92 -31.46 -5.67
N VAL B 318 15.91 -32.22 -6.15
CA VAL B 318 16.28 -32.22 -7.60
C VAL B 318 16.54 -33.66 -8.04
CA CA C . -2.45 0.69 -2.19
#